data_6PY3
#
_entry.id   6PY3
#
_cell.length_a   133.050
_cell.length_b   70.700
_cell.length_c   70.990
_cell.angle_alpha   90.000
_cell.angle_beta   122.100
_cell.angle_gamma   90.000
#
_symmetry.space_group_name_H-M   'C 1 2 1'
#
loop_
_entity.id
_entity.type
_entity.pdbx_description
1 polymer 'Putative methyl-accepting chemotaxis protein'
2 non-polymer ISOLEUCINE
3 water water
#
_entity_poly.entity_id   1
_entity_poly.type   'polypeptide(L)'
_entity_poly.pdbx_seq_one_letter_code
;GIDPFTQRNAIREDLDNYLNEMGEVTADNIQTWLSGRILLIENAAQNIAINPEPAAVASLLEQKALTSTFMASYLGDATG
HFTIRPDAKMPDGFDPRVRPWYKGAESSSTSTLTEPYIDAATGQTIISIATAAKKAGQSVGVVGGDLSLQTLINTLSARD
FSGMGYAFLVSADGKILVHPDKALVMKSLKEAYPQDTPRISSDFSEVTVDGKTRIVNFTPIKGLPSVNWYIGLSVDKDKA
FSMLSEFRTS
;
_entity_poly.pdbx_strand_id   A,B
#
# COMPACT_ATOMS: atom_id res chain seq x y z
N GLN A 7 -31.32 6.21 26.51
CA GLN A 7 -30.06 6.98 26.32
C GLN A 7 -29.33 6.55 25.05
N ARG A 8 -29.16 5.24 24.87
CA ARG A 8 -28.62 4.70 23.62
C ARG A 8 -29.41 5.19 22.39
N ASN A 9 -30.72 5.06 22.42
CA ASN A 9 -31.56 5.42 21.26
C ASN A 9 -31.36 6.86 20.75
N ALA A 10 -30.73 7.72 21.56
CA ALA A 10 -30.36 9.08 21.13
C ALA A 10 -29.04 9.22 20.37
N ILE A 11 -28.04 8.43 20.74
CA ILE A 11 -26.73 8.48 20.09
C ILE A 11 -26.50 7.28 19.17
N ARG A 12 -27.56 6.52 18.87
CA ARG A 12 -27.42 5.32 18.06
C ARG A 12 -27.00 5.67 16.64
N GLU A 13 -27.53 6.78 16.11
CA GLU A 13 -27.10 7.29 14.82
C GLU A 13 -25.65 7.77 14.82
N ASP A 14 -25.16 8.20 15.97
CA ASP A 14 -23.75 8.50 16.14
C ASP A 14 -22.86 7.26 15.99
N LEU A 15 -23.28 6.14 16.55
CA LEU A 15 -22.43 4.95 16.59
C LEU A 15 -22.33 4.36 15.18
N ASP A 16 -23.45 4.30 14.48
CA ASP A 16 -23.50 4.07 13.04
C ASP A 16 -22.42 4.87 12.29
N ASN A 17 -22.34 6.16 12.54
CA ASN A 17 -21.34 6.97 11.85
C ASN A 17 -19.92 6.56 12.16
N TYR A 18 -19.61 6.23 13.41
CA TYR A 18 -18.25 5.76 13.72
C TYR A 18 -17.93 4.41 13.04
N LEU A 19 -18.87 3.47 13.10
CA LEU A 19 -18.65 2.13 12.54
C LEU A 19 -18.53 2.19 11.04
N ASN A 20 -19.35 3.01 10.41
CA ASN A 20 -19.16 3.21 8.98
C ASN A 20 -17.81 3.80 8.62
N GLU A 21 -17.33 4.71 9.47
CA GLU A 21 -16.02 5.31 9.28
C GLU A 21 -14.91 4.28 9.46
N MET A 22 -15.04 3.42 10.46
CA MET A 22 -14.04 2.40 10.75
C MET A 22 -13.97 1.35 9.64
N GLY A 23 -15.14 0.88 9.19
CA GLY A 23 -15.26 0.07 7.96
C GLY A 23 -14.58 0.68 6.76
N GLU A 24 -14.85 1.95 6.48
CA GLU A 24 -14.23 2.58 5.32
C GLU A 24 -12.71 2.61 5.42
N VAL A 25 -12.19 2.88 6.61
CA VAL A 25 -10.75 3.08 6.77
C VAL A 25 -10.03 1.73 6.56
N THR A 26 -10.69 0.70 7.04
CA THR A 26 -10.14 -0.63 7.03
C THR A 26 -10.12 -1.10 5.59
N ALA A 27 -11.23 -0.93 4.87
CA ALA A 27 -11.28 -1.29 3.44
C ALA A 27 -10.23 -0.51 2.66
N ASP A 28 -10.06 0.75 3.03
CA ASP A 28 -9.08 1.55 2.33
C ASP A 28 -7.67 1.00 2.50
N ASN A 29 -7.29 0.71 3.74
CA ASN A 29 -6.00 0.11 3.99
C ASN A 29 -5.80 -1.19 3.21
N ILE A 30 -6.77 -2.11 3.25
CA ILE A 30 -6.61 -3.38 2.56
C ILE A 30 -6.47 -3.16 1.08
N GLN A 31 -7.30 -2.29 0.52
CA GLN A 31 -7.24 -1.95 -0.89
C GLN A 31 -5.83 -1.48 -1.25
N THR A 32 -5.26 -0.66 -0.37
CA THR A 32 -3.89 -0.14 -0.55
C THR A 32 -2.80 -1.20 -0.41
N TRP A 33 -2.96 -2.12 0.55
CA TRP A 33 -1.96 -3.16 0.75
C TRP A 33 -1.97 -4.11 -0.45
N LEU A 34 -3.16 -4.43 -0.94
CA LEU A 34 -3.31 -5.36 -2.08
C LEU A 34 -2.89 -4.68 -3.37
N SER A 35 -3.07 -3.38 -3.45
CA SER A 35 -2.86 -2.73 -4.74
C SER A 35 -1.44 -2.77 -5.29
N GLY A 36 -0.45 -2.62 -4.41
CA GLY A 36 0.94 -2.74 -4.83
C GLY A 36 1.35 -4.15 -5.22
N ARG A 37 0.72 -5.13 -4.56
CA ARG A 37 0.94 -6.53 -4.88
C ARG A 37 0.29 -6.93 -6.19
N ILE A 38 -0.88 -6.35 -6.49
CA ILE A 38 -1.52 -6.55 -7.74
C ILE A 38 -0.69 -5.98 -8.87
N LEU A 39 -0.12 -4.81 -8.61
CA LEU A 39 0.76 -4.20 -9.61
C LEU A 39 2.01 -4.99 -9.92
N LEU A 40 2.61 -5.61 -8.92
CA LEU A 40 3.82 -6.38 -9.15
C LEU A 40 3.46 -7.57 -10.05
N ILE A 41 2.30 -8.17 -9.81
CA ILE A 41 1.94 -9.37 -10.61
C ILE A 41 1.62 -8.97 -12.04
N GLU A 42 0.82 -7.92 -12.20
CA GLU A 42 0.60 -7.29 -13.48
C GLU A 42 1.88 -6.94 -14.24
N ASN A 43 2.84 -6.35 -13.51
CA ASN A 43 4.11 -5.99 -14.13
C ASN A 43 4.80 -7.28 -14.59
N ALA A 44 4.74 -8.34 -13.77
CA ALA A 44 5.46 -9.57 -14.11
C ALA A 44 4.87 -10.15 -15.40
N ALA A 45 3.55 -10.09 -15.50
CA ALA A 45 2.82 -10.56 -16.66
C ALA A 45 3.06 -9.70 -17.87
N GLN A 46 3.14 -8.38 -17.68
CA GLN A 46 3.51 -7.51 -18.78
C GLN A 46 4.90 -7.87 -19.31
N ASN A 47 5.80 -8.16 -18.39
CA ASN A 47 7.19 -8.40 -18.75
C ASN A 47 7.42 -9.75 -19.44
N ILE A 48 6.72 -10.77 -18.97
CA ILE A 48 6.70 -12.08 -19.62
C ILE A 48 6.18 -11.98 -21.06
N ALA A 49 5.09 -11.26 -21.24
CA ALA A 49 4.52 -11.04 -22.56
C ALA A 49 5.51 -10.37 -23.51
N ILE A 50 6.54 -9.73 -22.96
CA ILE A 50 7.56 -9.09 -23.77
C ILE A 50 8.27 -10.18 -24.56
N ASN A 51 8.81 -11.15 -23.82
CA ASN A 51 9.49 -12.31 -24.40
C ASN A 51 9.17 -13.56 -23.59
N PRO A 52 8.18 -14.37 -24.04
CA PRO A 52 7.78 -15.50 -23.20
C PRO A 52 8.65 -16.75 -23.36
N GLU A 53 9.89 -16.56 -23.79
CA GLU A 53 10.88 -17.62 -23.76
C GLU A 53 11.13 -18.07 -22.32
N PRO A 54 11.22 -19.37 -22.08
CA PRO A 54 11.20 -19.92 -20.71
C PRO A 54 12.43 -19.60 -19.85
N ALA A 55 13.57 -19.32 -20.48
CA ALA A 55 14.71 -18.79 -19.71
C ALA A 55 14.35 -17.41 -19.13
N ALA A 56 13.67 -16.60 -19.91
CA ALA A 56 13.36 -15.22 -19.52
C ALA A 56 12.40 -15.25 -18.34
N VAL A 57 11.44 -16.16 -18.45
CA VAL A 57 10.38 -16.27 -17.47
C VAL A 57 10.99 -16.59 -16.13
N ALA A 58 11.90 -17.57 -16.14
CA ALA A 58 12.54 -18.02 -14.93
C ALA A 58 13.28 -16.87 -14.25
N SER A 59 14.05 -16.11 -15.04
CA SER A 59 14.84 -15.01 -14.49
C SER A 59 13.92 -13.93 -13.86
N LEU A 60 12.82 -13.63 -14.53
CA LEU A 60 11.86 -12.65 -13.98
C LEU A 60 11.25 -13.07 -12.64
N LEU A 61 10.85 -14.33 -12.57
CA LEU A 61 10.26 -14.82 -11.36
C LEU A 61 11.27 -15.04 -10.25
N GLU A 62 12.55 -15.10 -10.58
CA GLU A 62 13.58 -15.19 -9.55
C GLU A 62 13.95 -13.89 -8.78
N GLN A 63 13.48 -12.76 -9.26
CA GLN A 63 13.96 -11.46 -8.74
C GLN A 63 13.38 -11.19 -7.35
N LYS A 64 14.18 -10.55 -6.49
CA LYS A 64 13.87 -10.34 -5.08
C LYS A 64 12.57 -9.59 -4.77
N ALA A 65 12.15 -8.68 -5.65
CA ALA A 65 10.90 -7.93 -5.43
C ALA A 65 9.70 -8.89 -5.40
N LEU A 66 9.78 -9.96 -6.18
CA LEU A 66 8.72 -10.96 -6.22
C LEU A 66 8.90 -12.01 -5.14
N THR A 67 10.09 -12.57 -5.00
CA THR A 67 10.35 -13.56 -3.98
C THR A 67 10.34 -13.07 -2.54
N SER A 68 10.61 -11.79 -2.30
CA SER A 68 10.35 -11.26 -0.97
C SER A 68 8.91 -10.85 -0.68
N THR A 69 8.09 -10.66 -1.71
CA THR A 69 6.67 -10.26 -1.53
C THR A 69 5.66 -11.42 -1.54
N PHE A 70 5.90 -12.43 -2.37
CA PHE A 70 5.04 -13.60 -2.47
C PHE A 70 5.73 -14.83 -1.91
N MET A 71 4.92 -15.81 -1.52
CA MET A 71 5.44 -17.11 -1.15
C MET A 71 6.17 -17.73 -2.33
N ALA A 72 5.53 -17.65 -3.50
CA ALA A 72 6.08 -18.00 -4.79
C ALA A 72 5.25 -17.31 -5.87
N SER A 73 5.91 -17.10 -7.00
CA SER A 73 5.24 -16.74 -8.22
C SER A 73 5.57 -17.71 -9.35
N TYR A 74 4.74 -17.66 -10.37
CA TYR A 74 4.73 -18.72 -11.35
C TYR A 74 4.00 -18.23 -12.58
N LEU A 75 4.26 -18.96 -13.67
CA LEU A 75 3.58 -18.85 -14.94
C LEU A 75 3.11 -20.24 -15.31
N GLY A 76 1.85 -20.34 -15.77
CA GLY A 76 1.29 -21.61 -16.27
C GLY A 76 0.84 -21.40 -17.71
N ASP A 77 1.03 -22.38 -18.61
CA ASP A 77 0.45 -22.22 -19.95
C ASP A 77 -0.66 -23.21 -20.36
N ALA A 78 -1.27 -22.99 -21.50
CA ALA A 78 -2.34 -23.85 -22.01
C ALA A 78 -1.89 -25.26 -22.39
N THR A 79 -0.60 -25.57 -22.36
CA THR A 79 -0.13 -26.92 -22.66
C THR A 79 0.04 -27.68 -21.36
N GLY A 80 -0.23 -27.02 -20.23
CA GLY A 80 0.01 -27.64 -18.93
C GLY A 80 1.37 -27.45 -18.33
N HIS A 81 2.25 -26.70 -18.98
CA HIS A 81 3.57 -26.49 -18.39
C HIS A 81 3.55 -25.29 -17.45
N PHE A 82 4.45 -25.29 -16.47
CA PHE A 82 4.52 -24.16 -15.53
C PHE A 82 5.95 -23.95 -15.06
N THR A 83 6.22 -22.75 -14.55
CA THR A 83 7.47 -22.41 -13.88
C THR A 83 7.13 -21.73 -12.58
N ILE A 84 7.77 -22.16 -11.49
CA ILE A 84 7.49 -21.61 -10.18
C ILE A 84 8.81 -21.23 -9.55
N ARG A 85 8.82 -20.05 -8.95
CA ARG A 85 9.97 -19.58 -8.19
C ARG A 85 9.54 -18.96 -6.87
N PRO A 86 10.27 -19.30 -5.79
CA PRO A 86 11.28 -20.37 -5.76
C PRO A 86 10.72 -21.74 -6.17
N ASP A 87 11.59 -22.57 -6.74
CA ASP A 87 11.16 -23.90 -7.20
C ASP A 87 10.65 -24.76 -6.05
N ALA A 88 9.70 -25.65 -6.35
CA ALA A 88 9.15 -26.54 -5.33
C ALA A 88 8.71 -27.85 -5.96
N LYS A 89 8.78 -28.92 -5.17
CA LYS A 89 8.36 -30.24 -5.61
C LYS A 89 6.84 -30.26 -5.64
N MET A 90 6.26 -30.41 -6.84
CA MET A 90 4.81 -30.39 -6.99
C MET A 90 4.21 -31.79 -6.88
N PRO A 91 2.93 -31.88 -6.52
CA PRO A 91 2.36 -33.23 -6.41
C PRO A 91 2.35 -33.94 -7.77
N ASP A 92 2.31 -35.27 -7.77
CA ASP A 92 2.39 -35.98 -9.06
C ASP A 92 1.09 -35.75 -9.84
N GLY A 93 1.24 -35.41 -11.12
CA GLY A 93 0.10 -35.04 -11.95
C GLY A 93 -0.43 -33.62 -11.81
N PHE A 94 0.14 -32.84 -10.91
CA PHE A 94 -0.18 -31.40 -10.86
C PHE A 94 -0.34 -30.77 -12.23
N ASP A 95 -1.45 -30.06 -12.43
CA ASP A 95 -1.75 -29.39 -13.70
C ASP A 95 -2.20 -27.96 -13.39
N PRO A 96 -1.45 -26.94 -13.86
CA PRO A 96 -1.79 -25.57 -13.52
C PRO A 96 -3.13 -25.09 -14.08
N ARG A 97 -3.56 -25.74 -15.16
CA ARG A 97 -4.80 -25.37 -15.85
C ARG A 97 -6.07 -25.60 -15.12
N VAL A 98 -6.03 -26.51 -14.16
CA VAL A 98 -7.18 -26.83 -13.37
C VAL A 98 -7.27 -26.01 -12.06
N ARG A 99 -6.25 -25.20 -11.79
CA ARG A 99 -6.09 -24.56 -10.48
C ARG A 99 -6.87 -23.25 -10.42
N PRO A 100 -7.32 -22.83 -9.22
CA PRO A 100 -8.26 -21.70 -9.18
C PRO A 100 -7.68 -20.36 -9.67
N TRP A 101 -6.37 -20.17 -9.54
CA TRP A 101 -5.72 -18.96 -10.07
C TRP A 101 -5.78 -18.90 -11.57
N TYR A 102 -5.63 -20.05 -12.23
CA TYR A 102 -5.58 -20.11 -13.68
C TYR A 102 -6.96 -19.91 -14.27
N LYS A 103 -7.93 -20.64 -13.76
CA LYS A 103 -9.29 -20.54 -14.24
C LYS A 103 -9.88 -19.15 -13.97
N GLY A 104 -9.53 -18.60 -12.81
CA GLY A 104 -9.95 -17.26 -12.47
C GLY A 104 -9.39 -16.23 -13.44
N ALA A 105 -8.10 -16.28 -13.72
CA ALA A 105 -7.48 -15.32 -14.59
C ALA A 105 -7.99 -15.44 -16.02
N GLU A 106 -8.29 -16.65 -16.48
CA GLU A 106 -8.78 -16.80 -17.84
C GLU A 106 -10.23 -16.32 -17.98
N SER A 107 -10.99 -16.36 -16.89
CA SER A 107 -12.38 -15.92 -16.89
C SER A 107 -12.57 -14.40 -16.89
N SER A 108 -11.52 -13.65 -16.61
CA SER A 108 -11.62 -12.20 -16.40
C SER A 108 -10.81 -11.48 -17.45
N SER A 109 -11.24 -10.26 -17.79
CA SER A 109 -10.52 -9.44 -18.74
C SER A 109 -9.39 -8.68 -18.09
N THR A 110 -9.36 -8.72 -16.76
CA THR A 110 -8.29 -8.13 -15.99
C THR A 110 -7.76 -9.09 -14.94
N SER A 111 -6.81 -8.60 -14.15
CA SER A 111 -6.30 -9.34 -12.99
C SER A 111 -7.42 -9.78 -12.11
N THR A 112 -7.12 -10.75 -11.26
CA THR A 112 -8.09 -11.31 -10.35
C THR A 112 -7.46 -11.75 -9.04
N LEU A 113 -8.28 -12.04 -8.04
CA LEU A 113 -7.77 -12.58 -6.80
C LEU A 113 -8.62 -13.79 -6.49
N THR A 114 -7.99 -14.90 -6.15
CA THR A 114 -8.75 -16.05 -5.69
C THR A 114 -9.31 -15.90 -4.31
N GLU A 115 -10.36 -16.68 -4.04
CA GLU A 115 -10.65 -17.11 -2.71
C GLU A 115 -9.58 -18.00 -2.07
N PRO A 116 -9.67 -18.19 -0.74
CA PRO A 116 -8.78 -19.15 -0.10
C PRO A 116 -8.89 -20.51 -0.77
N TYR A 117 -7.75 -21.13 -0.97
CA TYR A 117 -7.67 -22.52 -1.44
C TYR A 117 -6.39 -23.17 -0.90
N ILE A 118 -6.25 -24.48 -1.09
CA ILE A 118 -5.07 -25.23 -0.62
C ILE A 118 -3.90 -25.23 -1.59
N ASP A 119 -2.80 -24.64 -1.15
CA ASP A 119 -1.64 -24.48 -2.00
C ASP A 119 -1.07 -25.86 -2.39
N ALA A 120 -0.88 -26.11 -3.68
CA ALA A 120 -0.27 -27.37 -4.13
C ALA A 120 1.15 -27.49 -3.61
N ALA A 121 1.88 -26.38 -3.62
CA ALA A 121 3.25 -26.34 -3.09
C ALA A 121 3.41 -26.60 -1.58
N THR A 122 2.75 -25.83 -0.74
CA THR A 122 2.96 -25.89 0.71
C THR A 122 1.93 -26.71 1.46
N GLY A 123 0.76 -26.93 0.87
CA GLY A 123 -0.33 -27.61 1.54
C GLY A 123 -1.15 -26.72 2.47
N GLN A 124 -0.84 -25.43 2.51
CA GLN A 124 -1.50 -24.49 3.42
C GLN A 124 -2.55 -23.68 2.64
N THR A 125 -3.48 -23.11 3.36
CA THR A 125 -4.45 -22.21 2.77
C THR A 125 -3.82 -20.85 2.43
N ILE A 126 -4.08 -20.40 1.21
CA ILE A 126 -3.49 -19.20 0.66
C ILE A 126 -4.56 -18.51 -0.17
N ILE A 127 -4.19 -17.35 -0.71
CA ILE A 127 -4.93 -16.80 -1.82
C ILE A 127 -3.91 -16.45 -2.87
N SER A 128 -4.42 -16.15 -4.05
CA SER A 128 -3.50 -15.81 -5.11
C SER A 128 -3.99 -14.59 -5.85
N ILE A 129 -3.05 -13.77 -6.30
CA ILE A 129 -3.31 -12.77 -7.31
C ILE A 129 -2.90 -13.38 -8.64
N ALA A 130 -3.75 -13.27 -9.66
CA ALA A 130 -3.38 -13.82 -10.97
C ALA A 130 -3.85 -12.96 -12.14
N THR A 131 -3.10 -13.02 -13.23
CA THR A 131 -3.54 -12.34 -14.41
C THR A 131 -3.01 -13.02 -15.66
N ALA A 132 -3.75 -12.95 -16.75
CA ALA A 132 -3.30 -13.53 -17.99
C ALA A 132 -2.23 -12.61 -18.58
N ALA A 133 -1.12 -13.19 -19.04
CA ALA A 133 -0.11 -12.43 -19.77
C ALA A 133 -0.51 -12.40 -21.24
N LYS A 134 -0.95 -11.22 -21.69
CA LYS A 134 -1.41 -11.04 -23.07
C LYS A 134 -0.28 -10.38 -23.87
N LYS A 135 0.14 -11.04 -24.94
CA LYS A 135 1.08 -10.47 -25.90
C LYS A 135 0.29 -10.17 -27.16
N ALA A 136 0.12 -8.88 -27.41
CA ALA A 136 -0.52 -8.36 -28.62
C ALA A 136 -1.94 -8.93 -28.80
N GLY A 137 -2.71 -8.91 -27.72
CA GLY A 137 -4.11 -9.34 -27.77
C GLY A 137 -4.31 -10.79 -27.39
N GLN A 138 -3.28 -11.62 -27.59
CA GLN A 138 -3.39 -13.05 -27.40
C GLN A 138 -2.79 -13.42 -26.04
N SER A 139 -3.47 -14.28 -25.29
CA SER A 139 -2.95 -14.78 -24.01
C SER A 139 -1.80 -15.75 -24.21
N VAL A 140 -0.77 -15.65 -23.38
CA VAL A 140 0.38 -16.52 -23.46
C VAL A 140 0.51 -17.38 -22.21
N GLY A 141 -0.38 -17.16 -21.24
CA GLY A 141 -0.43 -17.99 -20.05
C GLY A 141 -0.91 -17.12 -18.90
N VAL A 142 -0.86 -17.67 -17.69
CA VAL A 142 -1.37 -16.97 -16.53
C VAL A 142 -0.25 -16.86 -15.51
N VAL A 143 -0.08 -15.67 -14.94
CA VAL A 143 0.91 -15.46 -13.88
C VAL A 143 0.17 -15.32 -12.57
N GLY A 144 0.73 -15.87 -11.51
CA GLY A 144 0.19 -15.61 -10.20
C GLY A 144 1.24 -15.57 -9.13
N GLY A 145 0.79 -15.07 -7.98
CA GLY A 145 1.58 -14.95 -6.74
C GLY A 145 0.77 -15.32 -5.51
N ASP A 146 1.39 -15.99 -4.55
CA ASP A 146 0.66 -16.57 -3.44
C ASP A 146 0.95 -15.78 -2.17
N LEU A 147 -0.13 -15.48 -1.48
CA LEU A 147 -0.09 -14.84 -0.17
C LEU A 147 -0.79 -15.78 0.79
N SER A 148 -0.18 -15.99 1.95
CA SER A 148 -0.74 -16.91 2.93
C SER A 148 -1.92 -16.34 3.70
N LEU A 149 -2.79 -17.23 4.18
CA LEU A 149 -3.90 -16.76 4.96
C LEU A 149 -3.38 -16.02 6.20
N GLN A 150 -2.28 -16.48 6.78
CA GLN A 150 -1.74 -15.86 7.99
C GLN A 150 -1.30 -14.42 7.74
N THR A 151 -0.70 -14.17 6.58
CA THR A 151 -0.42 -12.80 6.16
C THR A 151 -1.70 -11.96 6.08
N LEU A 152 -2.75 -12.52 5.49
CA LEU A 152 -4.01 -11.79 5.36
C LEU A 152 -4.69 -11.56 6.70
N ILE A 153 -4.69 -12.58 7.56
CA ILE A 153 -5.18 -12.47 8.93
C ILE A 153 -4.39 -11.39 9.67
N ASN A 154 -3.06 -11.47 9.62
CA ASN A 154 -2.21 -10.44 10.23
C ASN A 154 -2.50 -9.04 9.72
N THR A 155 -2.73 -8.89 8.42
CA THR A 155 -3.08 -7.56 7.87
C THR A 155 -4.34 -7.01 8.52
N LEU A 156 -5.35 -7.87 8.70
CA LEU A 156 -6.65 -7.44 9.17
C LEU A 156 -6.59 -7.01 10.63
N SER A 157 -5.78 -7.72 11.41
CA SER A 157 -5.81 -7.60 12.86
C SER A 157 -4.89 -6.48 13.37
N ALA A 158 -4.35 -5.66 12.46
CA ALA A 158 -3.43 -4.60 12.85
C ALA A 158 -4.10 -3.54 13.72
N ARG A 159 -5.27 -3.05 13.31
CA ARG A 159 -5.91 -1.90 13.94
C ARG A 159 -6.41 -2.16 15.37
N GLY A 163 -10.52 -1.95 21.44
CA GLY A 163 -10.90 -3.27 21.94
C GLY A 163 -12.39 -3.54 21.80
N MET A 164 -13.03 -2.85 20.86
CA MET A 164 -14.46 -2.99 20.62
C MET A 164 -14.77 -4.26 19.84
N GLY A 165 -13.88 -4.60 18.91
CA GLY A 165 -14.22 -5.54 17.86
C GLY A 165 -13.06 -5.81 16.93
N TYR A 166 -13.41 -6.29 15.75
CA TYR A 166 -12.45 -6.89 14.85
C TYR A 166 -13.06 -6.85 13.46
N ALA A 167 -12.19 -7.02 12.49
CA ALA A 167 -12.53 -7.02 11.08
C ALA A 167 -12.28 -8.39 10.46
N PHE A 168 -13.05 -8.68 9.42
CA PHE A 168 -12.92 -9.92 8.66
C PHE A 168 -13.27 -9.57 7.24
N LEU A 169 -12.87 -10.45 6.32
CA LEU A 169 -13.11 -10.25 4.90
C LEU A 169 -14.13 -11.28 4.43
N VAL A 170 -15.19 -10.78 3.78
CA VAL A 170 -16.31 -11.61 3.32
C VAL A 170 -16.61 -11.29 1.87
N SER A 171 -16.83 -12.29 1.03
CA SER A 171 -17.12 -12.03 -0.39
C SER A 171 -18.55 -11.49 -0.51
N ALA A 172 -18.90 -10.94 -1.66
CA ALA A 172 -20.24 -10.42 -1.89
C ALA A 172 -21.31 -11.53 -2.04
N ASP A 173 -20.92 -12.80 -2.05
CA ASP A 173 -21.85 -13.94 -1.94
C ASP A 173 -22.10 -14.37 -0.49
N GLY A 174 -21.42 -13.73 0.47
CA GLY A 174 -21.63 -14.03 1.88
C GLY A 174 -20.71 -15.10 2.45
N LYS A 175 -19.66 -15.42 1.73
CA LYS A 175 -18.70 -16.43 2.20
C LYS A 175 -17.56 -15.71 2.92
N ILE A 176 -17.31 -16.09 4.17
CA ILE A 176 -16.18 -15.50 4.89
C ILE A 176 -14.89 -16.02 4.27
N LEU A 177 -13.97 -15.14 3.93
CA LEU A 177 -12.72 -15.47 3.29
C LEU A 177 -11.57 -15.49 4.31
N VAL A 178 -11.58 -14.57 5.28
CA VAL A 178 -10.46 -14.35 6.18
C VAL A 178 -11.03 -13.77 7.45
N HIS A 179 -10.74 -14.45 8.54
CA HIS A 179 -11.36 -14.12 9.80
C HIS A 179 -10.33 -14.53 10.86
N PRO A 180 -10.21 -13.72 11.92
CA PRO A 180 -9.25 -14.06 12.96
C PRO A 180 -9.52 -15.43 13.62
N ASP A 181 -10.78 -15.83 13.76
CA ASP A 181 -11.13 -17.20 14.05
C ASP A 181 -11.04 -18.07 12.77
N LYS A 182 -9.92 -18.77 12.66
CA LYS A 182 -9.67 -19.66 11.53
C LYS A 182 -10.79 -20.67 11.25
N ALA A 183 -11.60 -21.01 12.25
CA ALA A 183 -12.66 -21.99 12.06
C ALA A 183 -13.75 -21.52 11.08
N LEU A 184 -13.88 -20.21 10.95
CA LEU A 184 -14.94 -19.58 10.18
C LEU A 184 -14.54 -19.21 8.77
N VAL A 185 -13.28 -19.44 8.44
CA VAL A 185 -12.76 -19.28 7.10
C VAL A 185 -13.44 -20.25 6.15
N MET A 186 -13.90 -19.67 5.05
CA MET A 186 -14.68 -20.36 4.03
C MET A 186 -15.99 -20.93 4.54
N LYS A 187 -16.57 -20.33 5.57
CA LYS A 187 -17.95 -20.62 5.96
C LYS A 187 -18.78 -19.44 5.44
N SER A 188 -20.02 -19.70 5.05
CA SER A 188 -20.96 -18.64 4.75
C SER A 188 -21.28 -17.91 6.07
N LEU A 189 -21.88 -16.73 5.95
CA LEU A 189 -22.42 -16.03 7.14
C LEU A 189 -23.43 -16.89 7.86
N LYS A 190 -24.27 -17.61 7.10
CA LYS A 190 -25.30 -18.40 7.72
C LYS A 190 -24.73 -19.53 8.56
N GLU A 191 -23.63 -20.13 8.08
CA GLU A 191 -23.01 -21.25 8.76
C GLU A 191 -22.17 -20.85 9.95
N ALA A 192 -21.55 -19.67 9.86
CA ALA A 192 -20.69 -19.15 10.92
C ALA A 192 -21.53 -18.48 12.01
N TYR A 193 -22.71 -17.95 11.65
CA TYR A 193 -23.58 -17.26 12.61
C TYR A 193 -24.98 -17.84 12.49
N PRO A 194 -25.13 -19.11 12.87
CA PRO A 194 -26.39 -19.81 12.58
C PRO A 194 -27.53 -19.31 13.45
N GLN A 195 -27.20 -18.92 14.67
CA GLN A 195 -28.20 -18.57 15.65
C GLN A 195 -28.83 -17.23 15.29
N ASP A 196 -28.05 -16.33 14.69
CA ASP A 196 -28.55 -15.01 14.44
C ASP A 196 -27.69 -14.36 13.36
N THR A 197 -28.13 -14.43 12.10
CA THR A 197 -27.22 -14.23 11.00
C THR A 197 -27.18 -12.77 10.55
N PRO A 198 -25.99 -12.15 10.54
CA PRO A 198 -25.89 -10.86 9.86
C PRO A 198 -26.15 -10.92 8.37
N ARG A 199 -26.79 -9.87 7.86
CA ARG A 199 -27.16 -9.74 6.45
C ARG A 199 -26.46 -8.57 5.79
N ILE A 200 -25.78 -8.82 4.67
CA ILE A 200 -25.10 -7.78 3.92
C ILE A 200 -26.11 -6.75 3.40
N SER A 201 -27.36 -7.16 3.22
CA SER A 201 -28.36 -6.25 2.69
C SER A 201 -28.74 -5.17 3.73
N SER A 202 -28.26 -5.31 4.96
CA SER A 202 -28.58 -4.37 6.05
C SER A 202 -27.34 -3.53 6.33
N ASP A 203 -27.51 -2.22 6.37
CA ASP A 203 -26.42 -1.33 6.82
C ASP A 203 -25.80 -1.76 8.16
N PHE A 204 -26.64 -2.22 9.08
CA PHE A 204 -26.21 -2.71 10.38
C PHE A 204 -27.06 -3.89 10.77
N SER A 205 -26.42 -4.93 11.33
CA SER A 205 -27.09 -6.14 11.81
C SER A 205 -26.66 -6.32 13.25
N GLU A 206 -27.65 -6.28 14.13
CA GLU A 206 -27.44 -6.56 15.54
C GLU A 206 -27.73 -8.01 15.73
N VAL A 207 -26.70 -8.75 16.14
CA VAL A 207 -26.85 -10.17 16.33
C VAL A 207 -26.35 -10.64 17.70
N THR A 208 -26.97 -11.69 18.24
CA THR A 208 -26.51 -12.25 19.49
C THR A 208 -25.47 -13.32 19.19
N VAL A 209 -24.30 -13.19 19.81
CA VAL A 209 -23.26 -14.22 19.84
C VAL A 209 -22.94 -14.53 21.30
N ASP A 210 -23.16 -15.77 21.75
CA ASP A 210 -22.90 -16.18 23.14
C ASP A 210 -23.57 -15.25 24.15
N GLY A 211 -24.87 -15.01 23.94
CA GLY A 211 -25.65 -14.20 24.87
C GLY A 211 -25.23 -12.76 24.99
N LYS A 212 -24.42 -12.27 24.05
CA LYS A 212 -24.02 -10.87 24.00
C LYS A 212 -24.38 -10.29 22.63
N THR A 213 -24.81 -9.04 22.57
CA THR A 213 -25.15 -8.43 21.29
C THR A 213 -23.91 -7.85 20.62
N ARG A 214 -23.70 -8.19 19.35
CA ARG A 214 -22.77 -7.46 18.47
C ARG A 214 -23.45 -6.67 17.37
N ILE A 215 -22.72 -5.68 16.87
CA ILE A 215 -23.16 -4.90 15.74
C ILE A 215 -22.21 -5.16 14.58
N VAL A 216 -22.77 -5.53 13.43
CA VAL A 216 -21.96 -5.96 12.29
C VAL A 216 -22.36 -5.11 11.10
N ASN A 217 -21.39 -4.41 10.52
CA ASN A 217 -21.59 -3.83 9.21
C ASN A 217 -20.64 -4.37 8.13
N PHE A 218 -20.91 -3.97 6.90
CA PHE A 218 -20.16 -4.47 5.75
C PHE A 218 -19.86 -3.30 4.85
N THR A 219 -18.58 -3.15 4.56
CA THR A 219 -18.04 -2.06 3.76
C THR A 219 -17.33 -2.60 2.53
N PRO A 220 -17.76 -2.18 1.33
CA PRO A 220 -17.10 -2.69 0.14
C PRO A 220 -15.65 -2.21 0.03
N ILE A 221 -14.79 -3.08 -0.48
CA ILE A 221 -13.42 -2.74 -0.75
C ILE A 221 -13.35 -2.30 -2.19
N LYS A 222 -13.14 -0.99 -2.38
CA LYS A 222 -13.12 -0.38 -3.69
C LYS A 222 -11.79 -0.65 -4.32
N GLY A 223 -11.81 -0.67 -5.65
CA GLY A 223 -10.60 -0.71 -6.44
C GLY A 223 -9.89 -2.04 -6.50
N LEU A 224 -10.58 -3.14 -6.21
CA LEU A 224 -10.00 -4.45 -6.52
C LEU A 224 -10.43 -4.86 -7.94
N PRO A 225 -9.52 -5.53 -8.66
CA PRO A 225 -9.86 -6.09 -9.97
C PRO A 225 -10.65 -7.39 -9.83
N SER A 226 -11.77 -7.45 -10.56
CA SER A 226 -12.60 -8.65 -10.71
C SER A 226 -13.45 -9.15 -9.59
N VAL A 227 -13.08 -8.88 -8.34
CA VAL A 227 -13.83 -9.42 -7.22
C VAL A 227 -14.51 -8.27 -6.46
N ASN A 228 -15.66 -8.61 -5.93
CA ASN A 228 -16.46 -7.74 -5.05
C ASN A 228 -16.48 -8.36 -3.68
N TRP A 229 -15.60 -7.84 -2.83
CA TRP A 229 -15.44 -8.31 -1.47
C TRP A 229 -15.77 -7.15 -0.51
N TYR A 230 -15.98 -7.51 0.74
CA TYR A 230 -16.39 -6.57 1.77
C TYR A 230 -15.52 -6.75 2.98
N ILE A 231 -15.35 -5.67 3.73
CA ILE A 231 -14.82 -5.75 5.06
C ILE A 231 -15.98 -5.82 5.98
N GLY A 232 -15.94 -6.82 6.86
CA GLY A 232 -16.94 -6.99 7.87
C GLY A 232 -16.34 -6.44 9.13
N LEU A 233 -17.16 -5.73 9.91
CA LEU A 233 -16.76 -5.30 11.26
C LEU A 233 -17.79 -5.77 12.23
N SER A 234 -17.33 -6.40 13.31
CA SER A 234 -18.21 -6.87 14.34
C SER A 234 -17.69 -6.28 15.65
N VAL A 235 -18.57 -5.57 16.35
CA VAL A 235 -18.20 -4.95 17.63
C VAL A 235 -19.21 -5.31 18.70
N ASP A 236 -18.73 -5.50 19.92
CA ASP A 236 -19.57 -5.71 21.09
C ASP A 236 -20.41 -4.45 21.32
N LYS A 237 -21.72 -4.61 21.42
CA LYS A 237 -22.61 -3.46 21.56
C LYS A 237 -22.31 -2.64 22.82
N ASP A 238 -22.05 -3.30 23.94
CA ASP A 238 -21.80 -2.56 25.17
C ASP A 238 -20.48 -1.79 25.11
N LYS A 239 -19.41 -2.41 24.61
CA LYS A 239 -18.14 -1.71 24.37
C LYS A 239 -18.25 -0.54 23.39
N ALA A 240 -18.98 -0.75 22.30
CA ALA A 240 -19.14 0.25 21.25
C ALA A 240 -19.86 1.48 21.82
N PHE A 241 -20.99 1.26 22.48
CA PHE A 241 -21.74 2.36 23.10
C PHE A 241 -20.90 3.06 24.17
N SER A 242 -20.27 2.28 25.03
CA SER A 242 -19.23 2.76 25.93
C SER A 242 -18.00 3.27 25.16
N MET A 243 -18.15 4.47 24.59
CA MET A 243 -17.14 5.03 23.68
C MET A 243 -17.79 6.17 22.91
N PRO B 4 -12.20 24.50 30.32
CA PRO B 4 -11.17 25.15 31.13
C PRO B 4 -10.18 24.13 31.71
N PHE B 5 -9.04 24.62 32.18
CA PHE B 5 -7.89 23.78 32.54
C PHE B 5 -8.21 22.60 33.46
N THR B 6 -9.16 22.81 34.37
CA THR B 6 -9.43 21.83 35.43
C THR B 6 -9.90 20.48 34.87
N GLN B 7 -11.01 20.49 34.13
CA GLN B 7 -11.46 19.34 33.34
C GLN B 7 -10.42 18.83 32.33
N ARG B 8 -9.82 19.73 31.55
CA ARG B 8 -8.81 19.35 30.54
C ARG B 8 -7.57 18.65 31.12
N ASN B 9 -7.05 19.15 32.24
CA ASN B 9 -5.85 18.61 32.85
C ASN B 9 -6.02 17.17 33.37
N ALA B 10 -7.27 16.72 33.48
CA ALA B 10 -7.59 15.33 33.84
C ALA B 10 -7.47 14.36 32.66
N ILE B 11 -7.93 14.78 31.49
CA ILE B 11 -8.00 13.88 30.33
C ILE B 11 -6.86 14.14 29.32
N ARG B 12 -5.85 14.88 29.73
CA ARG B 12 -4.87 15.36 28.77
C ARG B 12 -4.04 14.19 28.27
N GLU B 13 -3.76 13.25 29.17
CA GLU B 13 -3.00 12.05 28.81
C GLU B 13 -3.81 11.15 27.87
N ASP B 14 -5.13 11.25 27.97
CA ASP B 14 -5.98 10.51 27.06
C ASP B 14 -5.93 11.09 25.66
N LEU B 15 -6.04 12.40 25.54
CA LEU B 15 -5.80 13.06 24.26
C LEU B 15 -4.45 12.71 23.64
N ASP B 16 -3.39 12.75 24.47
CA ASP B 16 -2.08 12.27 24.07
C ASP B 16 -2.14 10.92 23.34
N ASN B 17 -2.82 9.95 23.94
CA ASN B 17 -2.90 8.62 23.34
C ASN B 17 -3.70 8.58 22.02
N TYR B 18 -4.80 9.31 21.94
CA TYR B 18 -5.53 9.44 20.68
C TYR B 18 -4.58 10.01 19.60
N LEU B 19 -3.89 11.09 19.92
CA LEU B 19 -3.05 11.76 18.92
C LEU B 19 -1.90 10.88 18.48
N ASN B 20 -1.35 10.13 19.42
CA ASN B 20 -0.30 9.20 19.06
C ASN B 20 -0.82 8.13 18.12
N GLU B 21 -2.04 7.66 18.41
CA GLU B 21 -2.64 6.60 17.62
C GLU B 21 -2.88 7.10 16.22
N MET B 22 -3.51 8.26 16.09
CA MET B 22 -3.71 8.83 14.77
C MET B 22 -2.42 9.01 13.97
N GLY B 23 -1.34 9.44 14.62
CA GLY B 23 -0.03 9.58 13.94
C GLY B 23 0.52 8.25 13.43
N GLU B 24 0.44 7.25 14.29
CA GLU B 24 0.91 5.92 13.98
C GLU B 24 0.11 5.31 12.84
N VAL B 25 -1.19 5.59 12.80
CA VAL B 25 -2.05 5.08 11.74
C VAL B 25 -1.75 5.77 10.42
N THR B 26 -1.55 7.08 10.53
CA THR B 26 -1.22 7.88 9.35
C THR B 26 0.15 7.52 8.79
N ALA B 27 1.13 7.34 9.68
CA ALA B 27 2.43 6.87 9.23
C ALA B 27 2.29 5.54 8.49
N ASP B 28 1.64 4.56 9.14
CA ASP B 28 1.45 3.24 8.58
C ASP B 28 0.80 3.22 7.19
N ASN B 29 -0.24 4.00 6.97
CA ASN B 29 -0.88 4.03 5.67
C ASN B 29 -0.01 4.70 4.62
N ILE B 30 0.81 5.67 5.03
CA ILE B 30 1.77 6.21 4.07
C ILE B 30 2.88 5.24 3.73
N GLN B 31 3.34 4.48 4.71
CA GLN B 31 4.34 3.44 4.48
C GLN B 31 3.84 2.42 3.46
N THR B 32 2.61 1.97 3.67
CA THR B 32 2.00 0.93 2.82
C THR B 32 1.88 1.44 1.39
N TRP B 33 1.29 2.62 1.25
CA TRP B 33 1.23 3.32 -0.03
C TRP B 33 2.58 3.44 -0.70
N LEU B 34 3.61 3.88 0.04
CA LEU B 34 4.90 4.03 -0.62
C LEU B 34 5.56 2.68 -0.99
N SER B 35 5.37 1.68 -0.14
CA SER B 35 6.05 0.39 -0.25
CA SER B 35 6.17 0.48 -0.33
C SER B 35 5.81 -0.27 -1.60
N GLY B 36 4.56 -0.26 -2.03
CA GLY B 36 4.18 -0.85 -3.30
C GLY B 36 4.92 -0.17 -4.45
N ARG B 37 5.00 1.15 -4.36
CA ARG B 37 5.67 1.92 -5.40
C ARG B 37 7.17 1.70 -5.38
N ILE B 38 7.73 1.59 -4.19
CA ILE B 38 9.15 1.28 -4.05
C ILE B 38 9.50 -0.07 -4.70
N LEU B 39 8.66 -1.07 -4.45
CA LEU B 39 8.90 -2.42 -4.93
C LEU B 39 8.84 -2.50 -6.45
N LEU B 40 7.97 -1.68 -7.02
CA LEU B 40 7.91 -1.60 -8.46
C LEU B 40 9.20 -1.05 -9.05
N ILE B 41 9.80 -0.09 -8.37
CA ILE B 41 11.05 0.52 -8.88
C ILE B 41 12.21 -0.44 -8.65
N GLU B 42 12.18 -1.14 -7.51
CA GLU B 42 13.18 -2.13 -7.23
C GLU B 42 13.13 -3.30 -8.25
N ASN B 43 11.93 -3.78 -8.54
CA ASN B 43 11.70 -4.82 -9.56
C ASN B 43 12.12 -4.35 -10.95
N ALA B 44 11.85 -3.11 -11.33
CA ALA B 44 12.38 -2.59 -12.59
C ALA B 44 13.90 -2.55 -12.63
N ALA B 45 14.53 -2.18 -11.53
CA ALA B 45 15.99 -2.20 -11.47
C ALA B 45 16.52 -3.62 -11.58
N GLN B 46 15.81 -4.57 -10.94
CA GLN B 46 16.37 -5.90 -10.90
C GLN B 46 16.28 -6.51 -12.30
N ASN B 47 15.15 -6.29 -12.96
CA ASN B 47 14.97 -6.71 -14.34
C ASN B 47 15.95 -6.03 -15.28
N ILE B 48 16.25 -4.78 -14.98
CA ILE B 48 17.23 -4.06 -15.81
C ILE B 48 18.60 -4.68 -15.70
N ALA B 49 18.97 -5.08 -14.48
CA ALA B 49 20.22 -5.78 -14.23
C ALA B 49 20.34 -7.15 -14.93
N ILE B 50 19.21 -7.78 -15.25
CA ILE B 50 19.21 -9.06 -15.99
C ILE B 50 19.81 -8.87 -17.38
N ASN B 51 19.34 -7.85 -18.10
CA ASN B 51 19.94 -7.48 -19.37
C ASN B 51 19.98 -5.97 -19.55
N PRO B 52 21.12 -5.35 -19.23
CA PRO B 52 21.16 -3.89 -19.28
C PRO B 52 21.47 -3.42 -20.68
N GLU B 53 20.64 -3.86 -21.61
CA GLU B 53 20.73 -3.50 -23.02
C GLU B 53 19.62 -2.49 -23.31
N PRO B 54 19.93 -1.46 -24.09
CA PRO B 54 19.01 -0.34 -24.20
C PRO B 54 17.60 -0.71 -24.67
N ALA B 55 17.50 -1.60 -25.65
CA ALA B 55 16.19 -1.96 -26.16
C ALA B 55 15.39 -2.65 -25.05
N ALA B 56 16.06 -3.46 -24.24
CA ALA B 56 15.36 -4.18 -23.18
C ALA B 56 14.92 -3.20 -22.10
N VAL B 57 15.72 -2.16 -21.87
CA VAL B 57 15.45 -1.21 -20.78
C VAL B 57 14.21 -0.41 -21.15
N ALA B 58 14.18 0.11 -22.37
CA ALA B 58 13.01 0.87 -22.78
C ALA B 58 11.73 0.04 -22.70
N SER B 59 11.79 -1.21 -23.16
CA SER B 59 10.59 -2.03 -23.21
C SER B 59 10.03 -2.20 -21.81
N LEU B 60 10.93 -2.45 -20.86
CA LEU B 60 10.60 -2.62 -19.46
C LEU B 60 9.95 -1.37 -18.90
N LEU B 61 10.51 -0.21 -19.26
CA LEU B 61 10.04 1.05 -18.73
C LEU B 61 8.70 1.43 -19.32
N GLU B 62 8.39 0.91 -20.51
CA GLU B 62 7.13 1.26 -21.19
C GLU B 62 5.89 0.50 -20.70
N GLN B 63 6.08 -0.47 -19.82
CA GLN B 63 4.97 -1.29 -19.32
C GLN B 63 3.98 -0.54 -18.43
N LYS B 64 2.70 -0.93 -18.55
CA LYS B 64 1.62 -0.16 -18.00
C LYS B 64 1.67 -0.12 -16.49
N ALA B 65 2.25 -1.13 -15.85
CA ALA B 65 2.36 -1.13 -14.38
C ALA B 65 3.24 0.04 -13.92
N LEU B 66 4.28 0.33 -14.70
CA LEU B 66 5.15 1.48 -14.44
C LEU B 66 4.59 2.82 -14.91
N THR B 67 4.06 2.88 -16.13
CA THR B 67 3.57 4.13 -16.68
C THR B 67 2.29 4.63 -16.04
N SER B 68 1.48 3.73 -15.48
CA SER B 68 0.29 4.16 -14.82
C SER B 68 0.53 4.55 -13.35
N THR B 69 1.64 4.12 -12.77
CA THR B 69 1.94 4.33 -11.35
C THR B 69 2.80 5.56 -11.11
N PHE B 70 3.68 5.83 -12.06
CA PHE B 70 4.56 6.97 -11.97
C PHE B 70 4.26 8.00 -13.06
N MET B 71 4.54 9.27 -12.77
CA MET B 71 4.61 10.28 -13.83
C MET B 71 5.46 9.77 -14.98
N ALA B 72 6.62 9.19 -14.65
CA ALA B 72 7.54 8.62 -15.59
C ALA B 72 8.52 7.77 -14.79
N SER B 73 9.17 6.84 -15.46
CA SER B 73 10.31 6.12 -14.90
C SER B 73 11.43 6.12 -15.92
N TYR B 74 12.63 5.77 -15.46
CA TYR B 74 13.85 6.06 -16.17
C TYR B 74 15.04 5.33 -15.58
N LEU B 75 16.02 5.03 -16.43
CA LEU B 75 17.36 4.68 -16.01
C LEU B 75 18.30 5.82 -16.45
N GLY B 76 19.31 6.07 -15.61
CA GLY B 76 20.43 6.94 -15.95
C GLY B 76 21.69 6.18 -15.61
N ASP B 77 22.77 6.50 -16.31
CA ASP B 77 24.00 5.74 -16.15
C ASP B 77 25.23 6.65 -16.07
N ALA B 78 26.36 6.02 -15.81
CA ALA B 78 27.59 6.73 -15.47
C ALA B 78 28.19 7.49 -16.62
N THR B 79 27.63 7.36 -17.83
CA THR B 79 28.08 8.08 -19.01
C THR B 79 27.16 9.26 -19.31
N GLY B 80 26.12 9.45 -18.50
CA GLY B 80 25.16 10.51 -18.72
C GLY B 80 23.98 10.15 -19.60
N HIS B 81 24.02 8.97 -20.21
N HIS B 81 23.98 8.97 -20.19
CA HIS B 81 22.90 8.50 -21.04
CA HIS B 81 22.85 8.68 -21.05
C HIS B 81 21.72 8.20 -20.12
C HIS B 81 21.73 8.10 -20.19
N PHE B 82 20.50 8.32 -20.65
CA PHE B 82 19.33 7.96 -19.91
C PHE B 82 18.27 7.45 -20.88
N THR B 83 17.40 6.60 -20.39
CA THR B 83 16.09 6.35 -21.00
C THR B 83 14.97 6.71 -20.05
N ILE B 84 13.98 7.44 -20.54
CA ILE B 84 12.81 7.83 -19.78
C ILE B 84 11.54 7.43 -20.52
N ARG B 85 10.65 6.76 -19.79
CA ARG B 85 9.32 6.46 -20.31
C ARG B 85 8.26 6.90 -19.33
N PRO B 86 7.22 7.60 -19.83
CA PRO B 86 7.00 8.06 -21.20
C PRO B 86 8.08 9.03 -21.68
N ASP B 87 8.56 8.88 -22.90
CA ASP B 87 9.66 9.71 -23.38
C ASP B 87 9.21 11.17 -23.35
N ALA B 88 10.10 12.06 -22.90
CA ALA B 88 9.81 13.49 -22.86
C ALA B 88 11.02 14.33 -23.31
N LYS B 89 10.75 15.55 -23.75
CA LYS B 89 11.78 16.49 -24.16
C LYS B 89 12.51 17.04 -22.92
N MET B 90 13.79 16.73 -22.77
CA MET B 90 14.55 17.20 -21.60
C MET B 90 15.25 18.52 -21.94
N PRO B 91 15.54 19.36 -20.93
CA PRO B 91 16.22 20.60 -21.26
C PRO B 91 17.59 20.34 -21.87
N ASP B 92 18.11 21.26 -22.68
CA ASP B 92 19.44 21.11 -23.26
C ASP B 92 20.47 20.90 -22.15
N GLY B 93 21.41 20.00 -22.40
CA GLY B 93 22.46 19.79 -21.41
C GLY B 93 22.11 18.80 -20.31
N PHE B 94 20.87 18.33 -20.28
CA PHE B 94 20.43 17.56 -19.13
C PHE B 94 21.39 16.39 -18.85
N ASP B 95 21.85 16.29 -17.61
CA ASP B 95 22.78 15.21 -17.22
C ASP B 95 22.23 14.48 -15.99
N PRO B 96 21.86 13.20 -16.15
CA PRO B 96 21.16 12.60 -15.03
C PRO B 96 22.02 12.47 -13.78
N ARG B 97 23.33 12.38 -13.98
CA ARG B 97 24.26 12.15 -12.91
C ARG B 97 24.23 13.21 -11.82
N VAL B 98 23.75 14.42 -12.12
CA VAL B 98 23.81 15.54 -11.17
C VAL B 98 22.47 15.76 -10.49
N ARG B 99 21.50 14.92 -10.83
CA ARG B 99 20.16 15.04 -10.30
C ARG B 99 20.06 14.35 -8.94
N PRO B 100 19.10 14.78 -8.10
CA PRO B 100 19.04 14.30 -6.73
C PRO B 100 18.76 12.82 -6.61
N TRP B 101 17.87 12.31 -7.46
CA TRP B 101 17.56 10.86 -7.46
C TRP B 101 18.82 10.05 -7.77
N TYR B 102 19.66 10.56 -8.66
CA TYR B 102 20.86 9.81 -9.04
C TYR B 102 21.89 9.79 -7.91
N LYS B 103 22.19 10.97 -7.38
CA LYS B 103 23.16 11.06 -6.29
C LYS B 103 22.64 10.41 -5.01
N GLY B 104 21.33 10.49 -4.80
CA GLY B 104 20.68 9.82 -3.68
C GLY B 104 20.85 8.31 -3.71
N ALA B 105 20.60 7.71 -4.88
CA ALA B 105 20.74 6.26 -5.05
C ALA B 105 22.19 5.83 -4.93
N GLU B 106 23.08 6.67 -5.45
CA GLU B 106 24.49 6.35 -5.43
C GLU B 106 25.06 6.37 -4.02
N SER B 107 24.44 7.14 -3.12
CA SER B 107 24.91 7.33 -1.76
C SER B 107 24.43 6.22 -0.84
N SER B 108 23.44 5.46 -1.28
CA SER B 108 22.83 4.40 -0.46
C SER B 108 23.17 2.98 -0.90
N SER B 109 23.19 2.07 0.06
CA SER B 109 23.30 0.66 -0.27
C SER B 109 21.96 0.10 -0.77
N THR B 110 20.86 0.82 -0.52
CA THR B 110 19.54 0.35 -0.95
C THR B 110 18.83 1.47 -1.71
N SER B 111 17.54 1.27 -1.89
CA SER B 111 16.69 2.23 -2.54
C SER B 111 16.61 3.45 -1.64
N THR B 112 16.19 4.57 -2.23
CA THR B 112 15.88 5.76 -1.47
C THR B 112 14.73 6.56 -2.08
N LEU B 113 14.26 7.53 -1.30
CA LEU B 113 13.35 8.56 -1.80
C LEU B 113 14.02 9.93 -1.77
N THR B 114 13.69 10.78 -2.73
CA THR B 114 14.21 12.15 -2.69
C THR B 114 13.30 13.04 -1.83
N GLU B 115 13.88 14.12 -1.35
CA GLU B 115 13.10 15.27 -0.96
C GLU B 115 12.55 15.94 -2.21
N PRO B 116 11.46 16.72 -2.07
CA PRO B 116 10.89 17.43 -3.21
C PRO B 116 11.90 18.28 -3.98
N TYR B 117 11.86 18.19 -5.31
CA TYR B 117 12.77 18.96 -6.14
C TYR B 117 12.01 19.29 -7.42
N ILE B 118 12.57 20.18 -8.20
CA ILE B 118 11.96 20.59 -9.46
C ILE B 118 12.25 19.59 -10.58
N ASP B 119 11.19 18.94 -11.05
CA ASP B 119 11.25 18.00 -12.18
C ASP B 119 11.81 18.63 -13.44
N ALA B 120 12.83 17.99 -14.05
CA ALA B 120 13.39 18.41 -15.32
C ALA B 120 12.41 18.19 -16.46
N ALA B 121 11.54 17.19 -16.31
CA ALA B 121 10.58 16.92 -17.38
C ALA B 121 9.40 17.91 -17.41
N THR B 122 8.67 18.04 -16.32
CA THR B 122 7.44 18.84 -16.31
C THR B 122 7.62 20.20 -15.67
N GLY B 123 8.73 20.39 -14.94
CA GLY B 123 9.00 21.68 -14.32
C GLY B 123 8.22 21.92 -13.05
N GLN B 124 7.48 20.92 -12.59
CA GLN B 124 6.74 20.96 -11.34
C GLN B 124 7.52 20.28 -10.22
N THR B 125 7.16 20.53 -8.99
CA THR B 125 7.82 19.93 -7.84
C THR B 125 7.34 18.48 -7.65
N ILE B 126 8.30 17.55 -7.52
CA ILE B 126 8.03 16.11 -7.40
C ILE B 126 8.87 15.46 -6.28
N ILE B 127 8.51 14.26 -5.83
CA ILE B 127 9.53 13.34 -5.29
C ILE B 127 9.85 12.15 -6.21
N SER B 128 10.99 11.51 -6.02
CA SER B 128 11.39 10.41 -6.90
C SER B 128 11.85 9.26 -6.01
N ILE B 129 11.40 8.06 -6.36
CA ILE B 129 11.95 6.84 -5.80
C ILE B 129 13.08 6.32 -6.70
N ALA B 130 14.25 6.05 -6.13
CA ALA B 130 15.39 5.68 -6.96
C ALA B 130 16.14 4.52 -6.32
N THR B 131 16.84 3.74 -7.14
CA THR B 131 17.74 2.75 -6.60
C THR B 131 18.76 2.33 -7.64
N ALA B 132 19.96 1.96 -7.18
CA ALA B 132 21.01 1.55 -8.14
C ALA B 132 20.68 0.16 -8.64
N ALA B 133 20.76 0.00 -9.95
CA ALA B 133 20.60 -1.31 -10.60
C ALA B 133 21.94 -2.04 -10.63
N LYS B 134 22.02 -3.18 -9.95
CA LYS B 134 23.29 -3.83 -9.71
C LYS B 134 23.24 -5.25 -10.27
N LYS B 135 23.83 -5.45 -11.46
CA LYS B 135 24.07 -6.79 -11.99
C LYS B 135 25.28 -7.38 -11.28
N ALA B 136 25.01 -8.01 -10.14
CA ALA B 136 26.05 -8.58 -9.28
C ALA B 136 27.14 -7.58 -8.92
N GLY B 137 26.89 -6.75 -7.92
CA GLY B 137 27.93 -5.96 -7.26
C GLY B 137 28.38 -4.76 -8.08
N GLN B 138 28.50 -4.96 -9.38
CA GLN B 138 28.54 -3.86 -10.34
C GLN B 138 27.20 -3.13 -10.32
N SER B 139 27.24 -1.81 -10.16
CA SER B 139 26.07 -0.98 -10.41
C SER B 139 26.11 -0.57 -11.87
N VAL B 140 25.07 -0.94 -12.61
CA VAL B 140 24.95 -0.60 -14.02
C VAL B 140 24.29 0.76 -14.29
N GLY B 141 23.85 1.45 -13.24
CA GLY B 141 22.98 2.64 -13.42
C GLY B 141 21.97 2.82 -12.30
N VAL B 142 21.18 3.88 -12.41
CA VAL B 142 20.20 4.23 -11.38
C VAL B 142 18.83 4.30 -12.02
N VAL B 143 17.92 3.51 -11.50
CA VAL B 143 16.50 3.52 -11.88
C VAL B 143 15.68 4.44 -10.97
N GLY B 144 14.81 5.27 -11.54
CA GLY B 144 14.00 6.19 -10.75
C GLY B 144 12.58 6.25 -11.29
N GLY B 145 11.66 6.61 -10.43
CA GLY B 145 10.32 6.97 -10.86
C GLY B 145 9.84 8.21 -10.15
N ASP B 146 9.00 9.00 -10.83
CA ASP B 146 8.48 10.24 -10.28
C ASP B 146 7.02 10.20 -9.80
N LEU B 147 6.74 10.93 -8.72
CA LEU B 147 5.40 11.12 -8.15
C LEU B 147 5.25 12.61 -7.85
N SER B 148 4.10 13.17 -8.20
CA SER B 148 3.90 14.61 -8.09
C SER B 148 3.74 14.94 -6.62
N LEU B 149 4.15 16.15 -6.26
CA LEU B 149 3.82 16.69 -4.95
C LEU B 149 2.32 16.71 -4.69
N GLN B 150 1.50 17.00 -5.71
CA GLN B 150 0.06 16.98 -5.54
C GLN B 150 -0.48 15.60 -5.17
N THR B 151 0.13 14.54 -5.69
CA THR B 151 -0.25 13.18 -5.35
C THR B 151 0.03 12.87 -3.88
N LEU B 152 1.12 13.42 -3.36
CA LEU B 152 1.55 13.22 -1.99
C LEU B 152 0.62 14.01 -1.08
N ILE B 153 0.36 15.26 -1.46
CA ILE B 153 -0.55 16.13 -0.71
C ILE B 153 -1.89 15.44 -0.63
N ASN B 154 -2.37 14.89 -1.76
CA ASN B 154 -3.69 14.25 -1.73
C ASN B 154 -3.76 13.00 -0.86
N THR B 155 -2.65 12.25 -0.78
CA THR B 155 -2.59 11.02 0.00
C THR B 155 -2.64 11.29 1.50
N LEU B 156 -1.93 12.33 1.94
CA LEU B 156 -2.00 12.76 3.33
C LEU B 156 -3.39 13.33 3.66
N SER B 157 -4.01 14.05 2.74
CA SER B 157 -5.29 14.71 3.01
C SER B 157 -6.50 13.78 2.99
N ALA B 158 -6.33 12.55 2.53
CA ALA B 158 -7.47 11.64 2.44
C ALA B 158 -7.88 11.05 3.80
N ARG B 159 -6.98 11.06 4.78
CA ARG B 159 -7.29 10.52 6.11
C ARG B 159 -7.94 11.58 7.01
N ASP B 160 -9.17 11.33 7.45
CA ASP B 160 -9.89 12.28 8.31
C ASP B 160 -9.36 12.28 9.75
N MET B 164 -10.60 18.18 13.53
CA MET B 164 -9.58 18.76 14.39
C MET B 164 -8.39 19.35 13.63
N GLY B 165 -7.81 18.56 12.74
CA GLY B 165 -6.53 18.94 12.16
C GLY B 165 -6.10 18.13 10.95
N TYR B 166 -4.80 18.16 10.66
CA TYR B 166 -4.31 17.66 9.39
C TYR B 166 -2.93 17.04 9.60
N ALA B 167 -2.53 16.22 8.64
CA ALA B 167 -1.19 15.63 8.63
C ALA B 167 -0.26 16.34 7.65
N PHE B 168 1.04 16.31 7.93
CA PHE B 168 2.05 16.79 7.01
C PHE B 168 3.29 15.89 7.11
N LEU B 169 4.17 15.99 6.12
CA LEU B 169 5.35 15.13 6.09
C LEU B 169 6.56 16.00 6.33
N VAL B 170 7.39 15.58 7.28
CA VAL B 170 8.56 16.36 7.63
C VAL B 170 9.76 15.42 7.74
N SER B 171 10.92 15.96 7.40
CA SER B 171 12.10 15.13 7.49
C SER B 171 12.56 15.11 8.94
N ALA B 172 13.43 14.17 9.26
CA ALA B 172 14.03 14.12 10.58
C ALA B 172 15.07 15.23 10.74
N ASP B 173 15.32 16.06 9.73
CA ASP B 173 16.08 17.26 9.95
C ASP B 173 15.17 18.47 10.27
N GLY B 174 13.88 18.25 10.43
CA GLY B 174 12.92 19.35 10.60
C GLY B 174 12.48 20.07 9.33
N LYS B 175 12.73 19.52 8.13
CA LYS B 175 12.32 20.20 6.88
C LYS B 175 10.96 19.66 6.45
N ILE B 176 9.94 20.52 6.49
CA ILE B 176 8.61 20.17 5.96
C ILE B 176 8.71 19.84 4.46
N LEU B 177 8.18 18.67 4.12
CA LEU B 177 8.36 18.16 2.75
C LEU B 177 7.05 18.18 1.98
N VAL B 178 5.99 17.72 2.64
CA VAL B 178 4.65 17.81 2.08
C VAL B 178 3.69 18.41 3.11
N HIS B 179 2.90 19.39 2.68
CA HIS B 179 2.00 20.10 3.60
C HIS B 179 0.80 20.59 2.78
N PRO B 180 -0.40 20.63 3.38
CA PRO B 180 -1.57 21.16 2.67
C PRO B 180 -1.42 22.62 2.25
N ASP B 181 -0.79 23.42 3.10
CA ASP B 181 -0.29 24.73 2.72
C ASP B 181 1.00 24.59 1.92
N LYS B 182 0.90 24.81 0.60
CA LYS B 182 2.02 24.62 -0.29
C LYS B 182 3.06 25.69 -0.05
N ALA B 183 2.72 26.75 0.69
CA ALA B 183 3.72 27.77 0.96
C ALA B 183 4.71 27.28 1.99
N LEU B 184 4.39 26.19 2.67
CA LEU B 184 5.24 25.68 3.74
C LEU B 184 6.12 24.53 3.27
N VAL B 185 5.86 24.06 2.06
CA VAL B 185 6.71 23.04 1.41
C VAL B 185 8.17 23.48 1.31
N MET B 186 9.03 22.64 1.86
CA MET B 186 10.46 22.86 1.92
C MET B 186 10.87 24.02 2.81
N LYS B 187 10.00 24.39 3.73
CA LYS B 187 10.35 25.28 4.85
C LYS B 187 10.75 24.45 6.05
N SER B 188 11.79 24.85 6.77
CA SER B 188 11.99 24.32 8.13
C SER B 188 10.88 24.67 9.10
N LEU B 189 10.66 23.79 10.08
CA LEU B 189 9.69 24.01 11.13
C LEU B 189 9.84 25.44 11.66
N LYS B 190 11.07 25.90 11.88
CA LYS B 190 11.31 27.26 12.39
C LYS B 190 10.81 28.36 11.45
N GLU B 191 11.03 28.14 10.15
CA GLU B 191 10.57 29.10 9.16
C GLU B 191 9.08 29.08 9.02
N ALA B 192 8.46 27.91 9.26
CA ALA B 192 7.05 27.73 8.99
C ALA B 192 6.27 28.27 10.15
N TYR B 193 6.79 28.04 11.34
CA TYR B 193 6.17 28.48 12.58
C TYR B 193 7.09 29.42 13.39
N PRO B 194 7.39 30.60 12.84
CA PRO B 194 8.42 31.42 13.48
C PRO B 194 7.98 31.98 14.84
N GLN B 195 6.68 32.08 15.07
CA GLN B 195 6.15 32.70 16.28
C GLN B 195 6.18 31.73 17.46
N ASP B 196 6.09 30.44 17.17
CA ASP B 196 6.06 29.44 18.23
C ASP B 196 6.30 28.08 17.57
N THR B 197 7.52 27.55 17.66
CA THR B 197 7.96 26.47 16.75
C THR B 197 7.79 25.09 17.42
N PRO B 198 7.04 24.16 16.78
CA PRO B 198 7.02 22.80 17.36
C PRO B 198 8.38 22.07 17.20
N ARG B 199 8.67 21.19 18.14
CA ARG B 199 9.95 20.53 18.32
C ARG B 199 9.71 19.02 18.20
N ILE B 200 10.37 18.44 17.21
CA ILE B 200 10.38 16.99 17.00
C ILE B 200 10.96 16.28 18.23
N SER B 201 11.81 16.98 18.98
CA SER B 201 12.33 16.43 20.24
C SER B 201 11.32 16.29 21.39
N SER B 202 10.15 16.92 21.25
CA SER B 202 9.13 16.88 22.28
C SER B 202 8.02 16.00 21.80
N ASP B 203 7.49 15.14 22.66
CA ASP B 203 6.41 14.26 22.21
C ASP B 203 5.22 15.13 21.76
N PHE B 204 4.89 16.14 22.56
CA PHE B 204 3.86 17.07 22.13
C PHE B 204 4.31 18.52 22.20
N SER B 205 4.02 19.29 21.18
CA SER B 205 4.27 20.73 21.19
C SER B 205 2.91 21.43 21.14
N GLU B 206 2.62 22.21 22.19
CA GLU B 206 1.53 23.18 22.16
C GLU B 206 1.97 24.51 21.60
N VAL B 207 1.44 24.90 20.46
CA VAL B 207 1.96 26.07 19.78
C VAL B 207 0.80 26.98 19.39
N THR B 208 1.05 28.28 19.39
CA THR B 208 0.00 29.23 19.06
C THR B 208 0.11 29.55 17.58
N VAL B 209 -0.99 29.28 16.89
CA VAL B 209 -1.06 29.52 15.45
C VAL B 209 -2.28 30.40 15.23
N ASP B 210 -2.06 31.61 14.71
CA ASP B 210 -3.15 32.56 14.46
C ASP B 210 -4.08 32.68 15.66
N GLY B 211 -3.50 32.91 16.84
CA GLY B 211 -4.29 33.27 18.00
C GLY B 211 -5.01 32.10 18.63
N LYS B 212 -4.67 30.88 18.21
CA LYS B 212 -5.21 29.68 18.85
C LYS B 212 -4.16 28.61 19.09
N THR B 213 -4.38 27.81 20.12
CA THR B 213 -3.45 26.75 20.46
C THR B 213 -3.66 25.53 19.56
N ARG B 214 -2.58 25.11 18.90
CA ARG B 214 -2.53 23.81 18.21
C ARG B 214 -1.61 22.84 18.94
N ILE B 215 -2.02 21.57 19.02
CA ILE B 215 -1.13 20.54 19.50
C ILE B 215 -0.51 19.85 18.27
N VAL B 216 0.80 19.63 18.35
CA VAL B 216 1.59 19.07 17.24
C VAL B 216 2.50 17.92 17.75
N ASN B 217 2.54 16.82 17.00
CA ASN B 217 3.31 15.63 17.37
C ASN B 217 3.80 15.03 16.08
N PHE B 218 4.85 14.23 16.20
CA PHE B 218 5.59 13.73 15.04
C PHE B 218 5.73 12.23 15.21
N THR B 219 5.48 11.45 14.14
CA THR B 219 5.46 10.00 14.26
C THR B 219 6.32 9.42 13.15
N PRO B 220 7.34 8.64 13.52
CA PRO B 220 8.27 8.17 12.52
C PRO B 220 7.62 7.25 11.50
N ILE B 221 7.97 7.39 10.23
CA ILE B 221 7.47 6.47 9.22
C ILE B 221 8.44 5.29 9.09
N LYS B 222 8.01 4.15 9.59
CA LYS B 222 8.84 2.96 9.65
C LYS B 222 8.86 2.32 8.26
N GLY B 223 9.94 1.61 7.98
CA GLY B 223 10.01 0.73 6.81
C GLY B 223 10.22 1.42 5.48
N LEU B 224 10.78 2.62 5.49
CA LEU B 224 11.23 3.30 4.29
C LEU B 224 12.73 3.08 4.15
N PRO B 225 13.17 2.80 2.93
CA PRO B 225 14.61 2.67 2.72
C PRO B 225 15.34 4.01 2.67
N SER B 226 16.48 4.06 3.35
CA SER B 226 17.42 5.18 3.31
C SER B 226 17.03 6.43 4.10
N VAL B 227 15.75 6.69 4.27
CA VAL B 227 15.31 8.02 4.72
C VAL B 227 14.59 7.87 6.03
N ASN B 228 14.68 8.91 6.86
CA ASN B 228 14.02 8.93 8.17
C ASN B 228 13.16 10.18 8.21
N TRP B 229 11.88 9.94 7.99
CA TRP B 229 10.84 10.94 7.80
C TRP B 229 9.74 10.69 8.81
N TYR B 230 9.02 11.78 9.14
CA TYR B 230 7.95 11.80 10.09
C TYR B 230 6.63 12.30 9.51
N ILE B 231 5.53 11.71 9.97
CA ILE B 231 4.22 12.34 9.91
C ILE B 231 4.07 13.31 11.10
N GLY B 232 3.92 14.59 10.79
CA GLY B 232 3.45 15.61 11.73
C GLY B 232 1.93 15.68 11.68
N LEU B 233 1.32 15.63 12.85
CA LEU B 233 -0.09 15.90 13.03
C LEU B 233 -0.29 17.17 13.86
N SER B 234 -1.18 18.05 13.39
CA SER B 234 -1.43 19.32 14.04
C SER B 234 -2.93 19.50 14.18
N VAL B 235 -3.39 19.63 15.42
CA VAL B 235 -4.82 19.67 15.70
C VAL B 235 -5.16 20.90 16.52
N ASP B 236 -6.32 21.49 16.23
CA ASP B 236 -6.84 22.52 17.12
C ASP B 236 -6.95 21.95 18.51
N LYS B 237 -6.42 22.67 19.50
CA LYS B 237 -6.47 22.19 20.87
C LYS B 237 -7.92 22.11 21.39
N ASP B 238 -8.70 23.17 21.16
CA ASP B 238 -10.08 23.17 21.65
C ASP B 238 -10.88 22.03 21.02
N LYS B 239 -10.84 21.92 19.69
CA LYS B 239 -11.65 20.90 19.01
C LYS B 239 -11.25 19.51 19.46
N ALA B 240 -9.94 19.29 19.58
CA ALA B 240 -9.39 18.00 20.00
C ALA B 240 -10.01 17.62 21.33
N PHE B 241 -9.89 18.51 22.32
CA PHE B 241 -10.38 18.23 23.65
C PHE B 241 -11.89 18.02 23.64
N SER B 242 -12.58 18.78 22.80
CA SER B 242 -14.03 18.65 22.63
C SER B 242 -14.45 17.22 22.24
N MET B 243 -13.59 16.51 21.52
CA MET B 243 -13.70 15.05 21.40
C MET B 243 -13.44 14.44 22.78
N LEU B 244 -14.42 14.61 23.67
CA LEU B 244 -14.28 14.27 25.08
C LEU B 244 -14.94 12.93 25.33
#